data_6D8M
#
_entry.id   6D8M
#
_cell.length_a   75.600
_cell.length_b   132.880
_cell.length_c   146.780
_cell.angle_alpha   90.000
_cell.angle_beta   90.000
_cell.angle_gamma   90.000
#
_symmetry.space_group_name_H-M   'P 21 21 21'
#
loop_
_entity.id
_entity.type
_entity.pdbx_description
1 polymer 'Group I self-splicing intron'
2 non-polymer 'MAGNESIUM ION'
#
_entity_poly.entity_id   1
_entity_poly.type   'polyribonucleotide'
_entity_poly.pdbx_seq_one_letter_code
;GAAUUGCGGGAAAGGGGUCAACUUCCGUUCAGUACCAAGUCUCAGGGGAAACUUUGAGAUGGCCUUGCAAAGGGUAUGGU
AAUAAGCUGACGGACAUGGUCCUAACCACGCAGCCAAGUCCUAAGUCAACAGAUCUUCUGUUGAUAUGGAUGCAGUUCA
;
_entity_poly.pdbx_strand_id   A,B
#
loop_
_chem_comp.id
_chem_comp.type
_chem_comp.name
_chem_comp.formula
A RNA linking ADENOSINE-5'-MONOPHOSPHATE 'C10 H14 N5 O7 P'
C RNA linking CYTIDINE-5'-MONOPHOSPHATE 'C9 H14 N3 O8 P'
G RNA linking GUANOSINE-5'-MONOPHOSPHATE 'C10 H14 N5 O8 P'
MG non-polymer 'MAGNESIUM ION' 'Mg 2'
U RNA linking URIDINE-5'-MONOPHOSPHATE 'C9 H13 N2 O9 P'
#
# COMPACT_ATOMS: atom_id res chain seq x y z
MG MG C . 8.57 -16.60 -12.57
MG MG D . 7.91 -11.32 -18.17
MG MG E . 9.67 -13.60 -23.11
MG MG F . 20.20 -5.67 -10.82
MG MG G . 5.46 -11.73 -8.47
MG MG H . 11.00 -6.15 -1.22
MG MG I . 0.83 -30.38 -17.92
MG MG J . 17.74 2.85 -18.88
MG MG K . 16.49 -6.67 0.48
MG MG L . 13.69 18.87 -18.64
MG MG M . -11.14 10.29 8.22
MG MG N . -8.49 6.20 14.46
MG MG O . -10.98 7.78 19.14
MG MG P . 4.32 13.88 11.54
MG MG Q . -28.26 10.40 8.86
MG MG R . -7.70 5.70 3.69
MG MG S . -24.96 4.89 11.75
MG MG T . 1.79 8.27 -0.32
MG MG U . -35.06 2.99 9.61
MG MG V . 7.15 5.42 20.39
MG MG W . 5.39 12.77 -0.01
MG MG X . -14.64 -6.88 3.71
MG MG Y . 11.02 -1.30 18.29
#